data_1O0E
#
_entry.id   1O0E
#
_cell.length_a   43.729
_cell.length_b   82.691
_cell.length_c   133.048
_cell.angle_alpha   90.00
_cell.angle_beta   90.00
_cell.angle_gamma   90.00
#
_symmetry.space_group_name_H-M   'P 21 21 21'
#
loop_
_entity.id
_entity.type
_entity.pdbx_description
1 polymer 'Ervatamin C'
2 non-polymer THIOSULFATE
3 water water
#
_entity_poly.entity_id   1
_entity_poly.type   'polypeptide(L)'
_entity_poly.pdbx_seq_one_letter_code
;LPEQIDWRKKGAVTPVKNQGSCGSCWAFSTVSTVESINQIRTGNLISLSEQELVDCDKKNHGCLGGAFVFAYQYIINNGG
IDTQANYPYKAVQGPCQAASKVVSIDGYNGVPFCNE(UNK)ALKQAVAVQPSTVAIDASSAQFQQYSSGIFSGPCGTKLN
HGVTIVGYQANYWIVRNSWGRYWGEKGYIRMLRVGGCGLCGIARLPYYPTKA
;
_entity_poly.pdbx_strand_id   A,B
#
# COMPACT_ATOMS: atom_id res chain seq x y z
N LEU A 1 -18.01 -2.37 20.68
CA LEU A 1 -17.10 -1.73 19.69
C LEU A 1 -15.73 -1.46 20.32
N PRO A 2 -14.66 -1.59 19.53
CA PRO A 2 -13.31 -1.35 20.04
C PRO A 2 -13.22 0.09 20.53
N GLU A 3 -12.39 0.34 21.55
CA GLU A 3 -12.21 1.70 22.05
C GLU A 3 -11.42 2.48 21.03
N GLN A 4 -10.62 1.75 20.25
CA GLN A 4 -9.81 2.36 19.21
C GLN A 4 -9.56 1.38 18.09
N ILE A 5 -9.36 1.92 16.88
CA ILE A 5 -9.09 1.09 15.72
C ILE A 5 -8.36 1.96 14.71
N ASP A 6 -7.44 1.34 13.98
CA ASP A 6 -6.67 2.04 12.98
C ASP A 6 -6.55 1.06 11.81
N TRP A 7 -7.29 1.32 10.73
CA TRP A 7 -7.26 0.43 9.59
C TRP A 7 -5.90 0.37 8.88
N ARG A 8 -5.07 1.37 9.11
CA ARG A 8 -3.74 1.37 8.50
C ARG A 8 -2.93 0.21 9.12
N LYS A 9 -3.18 -0.04 10.39
CA LYS A 9 -2.49 -1.10 11.10
C LYS A 9 -3.05 -2.49 10.81
N LYS A 10 -4.13 -2.54 10.03
CA LYS A 10 -4.74 -3.82 9.70
C LYS A 10 -4.51 -4.18 8.23
N GLY A 11 -3.68 -3.38 7.57
CA GLY A 11 -3.34 -3.64 6.18
C GLY A 11 -4.39 -3.31 5.14
N ALA A 12 -5.39 -2.50 5.51
CA ALA A 12 -6.46 -2.15 4.59
C ALA A 12 -6.33 -0.79 3.90
N VAL A 13 -5.23 -0.08 4.15
CA VAL A 13 -5.04 1.24 3.56
C VAL A 13 -3.75 1.40 2.77
N THR A 14 -3.87 1.91 1.54
CA THR A 14 -2.72 2.13 0.67
C THR A 14 -1.95 3.39 1.06
N PRO A 15 -0.71 3.54 0.57
CA PRO A 15 0.08 4.73 0.91
C PRO A 15 -0.66 6.00 0.51
N VAL A 16 -0.39 7.08 1.23
CA VAL A 16 -1.01 8.39 1.00
C VAL A 16 -0.78 8.86 -0.44
N LYS A 17 -1.80 9.47 -1.03
CA LYS A 17 -1.73 9.96 -2.41
C LYS A 17 -1.81 11.49 -2.42
N ASN A 18 -1.59 12.09 -3.60
CA ASN A 18 -1.63 13.54 -3.75
C ASN A 18 -2.46 13.95 -4.95
N GLN A 19 -3.56 14.68 -4.72
CA GLN A 19 -4.43 15.10 -5.80
C GLN A 19 -3.84 16.25 -6.62
N GLY A 20 -2.80 16.89 -6.10
CA GLY A 20 -2.18 17.99 -6.82
C GLY A 20 -3.08 19.21 -6.97
N SER A 21 -2.88 19.95 -8.05
CA SER A 21 -3.66 21.16 -8.31
C SER A 21 -4.95 20.86 -9.05
N CYS A 22 -5.64 19.80 -8.64
CA CYS A 22 -6.89 19.39 -9.25
C CYS A 22 -7.90 19.08 -8.15
N GLY A 23 -9.08 19.67 -8.26
CA GLY A 23 -10.10 19.46 -7.29
C GLY A 23 -10.80 18.10 -7.44
N SER A 24 -10.05 17.03 -7.22
CA SER A 24 -10.59 15.69 -7.35
C SER A 24 -10.65 14.93 -6.01
N CYS A 25 -10.72 15.65 -4.90
CA CYS A 25 -10.78 14.97 -3.62
C CYS A 25 -11.99 14.07 -3.49
N TRP A 26 -13.05 14.38 -4.24
CA TRP A 26 -14.25 13.57 -4.23
C TRP A 26 -13.91 12.20 -4.78
N ALA A 27 -12.92 12.15 -5.67
CA ALA A 27 -12.49 10.90 -6.28
C ALA A 27 -11.50 10.16 -5.38
N PHE A 28 -10.53 10.87 -4.82
CA PHE A 28 -9.54 10.24 -3.95
C PHE A 28 -10.16 9.64 -2.71
N SER A 29 -11.08 10.37 -2.08
CA SER A 29 -11.72 9.88 -0.86
C SER A 29 -12.58 8.66 -1.15
N THR A 30 -13.40 8.75 -2.19
CA THR A 30 -14.27 7.63 -2.57
C THR A 30 -13.48 6.38 -2.93
N VAL A 31 -12.48 6.55 -3.79
CA VAL A 31 -11.66 5.40 -4.21
C VAL A 31 -10.94 4.76 -3.02
N SER A 32 -10.48 5.57 -2.09
CA SER A 32 -9.78 5.05 -0.92
C SER A 32 -10.67 4.05 -0.17
N THR A 33 -11.94 4.39 0.04
CA THR A 33 -12.83 3.48 0.75
C THR A 33 -13.08 2.19 -0.03
N VAL A 34 -13.01 2.25 -1.35
CA VAL A 34 -13.21 1.05 -2.18
C VAL A 34 -11.98 0.15 -2.08
N GLU A 35 -10.80 0.75 -2.06
CA GLU A 35 -9.56 -0.01 -1.93
C GLU A 35 -9.62 -0.77 -0.61
N SER A 36 -10.05 -0.07 0.43
CA SER A 36 -10.14 -0.66 1.77
C SER A 36 -11.18 -1.77 1.94
N ILE A 37 -12.40 -1.56 1.45
CA ILE A 37 -13.42 -2.60 1.60
C ILE A 37 -13.02 -3.84 0.81
N ASN A 38 -12.33 -3.65 -0.30
CA ASN A 38 -11.88 -4.79 -1.11
C ASN A 38 -10.85 -5.62 -0.34
N GLN A 39 -9.93 -4.95 0.36
CA GLN A 39 -8.92 -5.66 1.13
C GLN A 39 -9.57 -6.37 2.32
N ILE A 40 -10.54 -5.71 2.96
CA ILE A 40 -11.22 -6.29 4.10
C ILE A 40 -12.01 -7.55 3.74
N ARG A 41 -12.60 -7.54 2.54
CA ARG A 41 -13.41 -8.66 2.07
C ARG A 41 -12.65 -9.77 1.36
N THR A 42 -11.59 -9.40 0.62
CA THR A 42 -10.82 -10.39 -0.13
C THR A 42 -9.40 -10.63 0.37
N GLY A 43 -8.88 -9.71 1.17
CA GLY A 43 -7.53 -9.85 1.68
C GLY A 43 -6.50 -9.29 0.73
N ASN A 44 -6.94 -8.73 -0.40
CA ASN A 44 -6.03 -8.17 -1.38
C ASN A 44 -6.03 -6.65 -1.36
N LEU A 45 -4.85 -6.07 -1.14
CA LEU A 45 -4.69 -4.61 -1.11
C LEU A 45 -4.26 -4.16 -2.50
N ILE A 46 -5.10 -3.38 -3.16
CA ILE A 46 -4.82 -2.88 -4.50
C ILE A 46 -5.05 -1.39 -4.58
N SER A 47 -4.16 -0.68 -5.26
CA SER A 47 -4.30 0.76 -5.42
C SER A 47 -5.13 0.98 -6.67
N LEU A 48 -6.22 1.72 -6.53
CA LEU A 48 -7.14 1.95 -7.64
C LEU A 48 -7.01 3.32 -8.30
N SER A 49 -7.67 3.47 -9.46
CA SER A 49 -7.58 4.69 -10.24
C SER A 49 -8.55 5.82 -9.95
N GLU A 50 -8.01 6.96 -9.51
CA GLU A 50 -8.83 8.14 -9.28
C GLU A 50 -9.04 8.81 -10.64
N GLN A 51 -8.00 8.76 -11.49
CA GLN A 51 -8.06 9.37 -12.81
C GLN A 51 -9.23 8.85 -13.64
N GLU A 52 -9.55 7.58 -13.48
CA GLU A 52 -10.67 7.00 -14.21
C GLU A 52 -11.95 7.77 -13.90
N LEU A 53 -12.18 8.04 -12.62
CA LEU A 53 -13.38 8.79 -12.21
C LEU A 53 -13.33 10.21 -12.75
N VAL A 54 -12.17 10.86 -12.63
CA VAL A 54 -12.02 12.22 -13.11
C VAL A 54 -12.36 12.35 -14.59
N ASP A 55 -11.97 11.34 -15.38
CA ASP A 55 -12.23 11.36 -16.82
C ASP A 55 -13.60 10.82 -17.24
N CYS A 56 -14.06 9.76 -16.59
CA CYS A 56 -15.31 9.11 -16.97
C CYS A 56 -16.58 9.31 -16.16
N ASP A 57 -16.47 9.72 -14.90
CA ASP A 57 -17.67 9.92 -14.07
C ASP A 57 -18.30 11.26 -14.47
N LYS A 58 -19.00 11.23 -15.60
CA LYS A 58 -19.65 12.41 -16.18
C LYS A 58 -20.59 13.23 -15.28
N LYS A 59 -21.26 12.57 -14.33
CA LYS A 59 -22.16 13.28 -13.43
C LYS A 59 -21.37 14.25 -12.53
N ASN A 60 -20.08 13.96 -12.36
CA ASN A 60 -19.24 14.82 -11.55
C ASN A 60 -18.46 15.76 -12.46
N HIS A 61 -17.69 16.67 -11.88
CA HIS A 61 -16.99 17.66 -12.70
C HIS A 61 -15.46 17.66 -12.70
N GLY A 62 -14.87 16.49 -12.91
CA GLY A 62 -13.43 16.37 -12.96
C GLY A 62 -12.71 17.14 -11.88
N CYS A 63 -11.81 18.04 -12.28
CA CYS A 63 -11.05 18.84 -11.32
C CYS A 63 -11.85 19.97 -10.71
N LEU A 64 -13.11 20.10 -11.10
CA LEU A 64 -13.96 21.17 -10.58
C LEU A 64 -14.86 20.73 -9.43
N GLY A 65 -14.75 19.47 -9.02
CA GLY A 65 -15.57 18.98 -7.93
C GLY A 65 -16.49 17.83 -8.27
N GLY A 66 -17.16 17.30 -7.25
CA GLY A 66 -18.07 16.18 -7.46
C GLY A 66 -18.72 15.74 -6.16
N ALA A 67 -19.61 14.75 -6.24
CA ALA A 67 -20.29 14.24 -5.05
C ALA A 67 -20.02 12.75 -4.86
N PHE A 68 -19.96 12.34 -3.59
CA PHE A 68 -19.70 10.95 -3.23
C PHE A 68 -20.66 9.98 -3.91
N VAL A 69 -21.95 10.23 -3.72
CA VAL A 69 -23.00 9.38 -4.29
C VAL A 69 -22.80 9.09 -5.78
N PHE A 70 -22.51 10.12 -6.56
CA PHE A 70 -22.32 9.94 -8.00
C PHE A 70 -21.06 9.14 -8.32
N ALA A 71 -20.05 9.25 -7.45
CA ALA A 71 -18.80 8.52 -7.66
C ALA A 71 -19.02 7.02 -7.42
N TYR A 72 -19.63 6.68 -6.30
CA TYR A 72 -19.92 5.28 -5.98
C TYR A 72 -20.85 4.69 -7.03
N GLN A 73 -21.83 5.48 -7.45
CA GLN A 73 -22.78 5.01 -8.44
C GLN A 73 -22.10 4.69 -9.76
N TYR A 74 -21.17 5.55 -10.17
CA TYR A 74 -20.43 5.33 -11.41
C TYR A 74 -19.71 3.99 -11.34
N ILE A 75 -18.98 3.77 -10.25
CA ILE A 75 -18.24 2.53 -10.05
C ILE A 75 -19.14 1.31 -10.18
N ILE A 76 -20.31 1.38 -9.57
CA ILE A 76 -21.27 0.28 -9.60
C ILE A 76 -21.82 0.06 -11.01
N ASN A 77 -22.33 1.13 -11.62
CA ASN A 77 -22.89 1.03 -12.96
C ASN A 77 -21.86 0.59 -14.00
N ASN A 78 -20.64 1.10 -13.87
CA ASN A 78 -19.59 0.75 -14.83
C ASN A 78 -19.11 -0.69 -14.67
N GLY A 79 -19.48 -1.33 -13.58
CA GLY A 79 -19.08 -2.70 -13.35
C GLY A 79 -17.71 -2.86 -12.71
N GLY A 80 -17.11 -1.76 -12.28
CA GLY A 80 -15.81 -1.84 -11.64
C GLY A 80 -14.88 -0.69 -11.97
N ILE A 81 -13.73 -0.68 -11.28
CA ILE A 81 -12.74 0.36 -11.48
C ILE A 81 -11.38 -0.28 -11.77
N ASP A 82 -10.53 0.42 -12.51
CA ASP A 82 -9.21 -0.08 -12.88
C ASP A 82 -8.16 0.32 -11.82
N THR A 83 -6.94 -0.19 -11.98
CA THR A 83 -5.87 0.10 -11.03
C THR A 83 -5.13 1.39 -11.35
N GLN A 84 -4.43 1.90 -10.33
CA GLN A 84 -3.65 3.12 -10.47
C GLN A 84 -2.60 2.91 -11.57
N ALA A 85 -2.00 1.72 -11.59
CA ALA A 85 -0.97 1.40 -12.57
C ALA A 85 -1.47 1.44 -14.02
N ASN A 86 -2.64 0.90 -14.27
CA ASN A 86 -3.20 0.86 -15.62
C ASN A 86 -3.81 2.19 -16.08
N TYR A 87 -4.23 3.01 -15.13
CA TYR A 87 -4.85 4.29 -15.47
C TYR A 87 -4.34 5.32 -14.48
N PRO A 88 -3.06 5.73 -14.65
CA PRO A 88 -2.36 6.70 -13.80
C PRO A 88 -2.97 8.09 -13.70
N TYR A 89 -2.73 8.73 -12.56
CA TYR A 89 -3.24 10.07 -12.29
C TYR A 89 -2.42 11.15 -12.97
N LYS A 90 -3.11 12.10 -13.59
CA LYS A 90 -2.47 13.20 -14.32
C LYS A 90 -2.76 14.58 -13.72
N ALA A 91 -3.73 14.64 -12.80
CA ALA A 91 -4.11 15.89 -12.15
C ALA A 91 -4.79 16.84 -13.13
N VAL A 92 -5.32 16.28 -14.21
CA VAL A 92 -6.01 17.07 -15.23
C VAL A 92 -7.00 16.13 -15.90
N GLN A 93 -8.21 16.61 -16.17
CA GLN A 93 -9.20 15.76 -16.82
C GLN A 93 -8.84 15.56 -18.28
N GLY A 94 -9.01 14.32 -18.75
CA GLY A 94 -8.70 14.02 -20.13
C GLY A 94 -9.74 13.06 -20.68
N PRO A 95 -9.63 12.72 -21.97
CA PRO A 95 -10.58 11.79 -22.61
C PRO A 95 -10.72 10.50 -21.80
N CYS A 96 -11.95 10.04 -21.63
CA CYS A 96 -12.22 8.82 -20.89
C CYS A 96 -11.74 7.59 -21.67
N GLN A 97 -10.81 6.85 -21.07
CA GLN A 97 -10.28 5.64 -21.71
C GLN A 97 -11.06 4.41 -21.33
N ALA A 98 -10.91 3.37 -22.14
CA ALA A 98 -11.56 2.10 -21.86
C ALA A 98 -10.71 1.56 -20.71
N ALA A 99 -11.32 0.84 -19.79
CA ALA A 99 -10.57 0.33 -18.67
C ALA A 99 -11.01 -1.05 -18.19
N SER A 100 -10.08 -1.75 -17.55
CA SER A 100 -10.35 -3.08 -17.01
C SER A 100 -11.10 -2.91 -15.70
N LYS A 101 -11.96 -3.88 -15.40
CA LYS A 101 -12.74 -3.85 -14.18
C LYS A 101 -12.12 -4.79 -13.16
N VAL A 102 -11.07 -4.32 -12.49
CA VAL A 102 -10.35 -5.11 -11.51
C VAL A 102 -11.09 -5.26 -10.18
N VAL A 103 -11.58 -4.16 -9.64
CA VAL A 103 -12.29 -4.20 -8.37
C VAL A 103 -13.73 -3.70 -8.53
N SER A 104 -14.65 -4.34 -7.84
CA SER A 104 -16.05 -3.94 -7.92
C SER A 104 -16.70 -3.95 -6.54
N ILE A 105 -17.74 -3.14 -6.40
CA ILE A 105 -18.50 -3.06 -5.16
C ILE A 105 -19.98 -3.28 -5.50
N ASP A 106 -20.79 -3.61 -4.49
CA ASP A 106 -22.20 -3.88 -4.72
C ASP A 106 -23.11 -2.69 -4.44
N GLY A 107 -22.68 -1.78 -3.57
CA GLY A 107 -23.50 -0.63 -3.25
C GLY A 107 -22.82 0.31 -2.29
N TYR A 108 -23.61 1.18 -1.66
CA TYR A 108 -23.08 2.13 -0.68
C TYR A 108 -24.18 2.52 0.29
N ASN A 109 -23.78 2.86 1.51
CA ASN A 109 -24.74 3.24 2.56
C ASN A 109 -24.37 4.56 3.21
N GLY A 110 -25.39 5.35 3.54
CA GLY A 110 -25.15 6.62 4.20
C GLY A 110 -25.29 6.41 5.69
N VAL A 111 -24.53 7.16 6.47
CA VAL A 111 -24.58 7.07 7.92
C VAL A 111 -25.50 8.18 8.43
N PRO A 112 -26.24 7.95 9.52
CA PRO A 112 -27.13 8.99 10.03
C PRO A 112 -26.34 10.28 10.28
N PHE A 113 -26.88 11.41 9.85
CA PHE A 113 -26.20 12.69 9.99
C PHE A 113 -26.03 13.21 11.41
N CYS A 114 -24.90 13.88 11.63
CA CYS A 114 -24.56 14.47 12.92
C CYS A 114 -24.81 13.52 14.09
N ASN A 115 -24.25 12.32 13.96
CA ASN A 115 -24.37 11.29 14.97
C ASN A 115 -23.02 10.57 15.00
N GLU A 116 -22.09 11.08 15.80
CA GLU A 116 -20.76 10.48 15.85
C GLU A 116 -20.74 9.06 16.42
N UNK A 117 -21.77 8.71 17.20
CA UNK A 117 -21.83 7.36 17.76
C UNK A 117 -22.08 6.37 16.62
N ALA A 118 -22.94 6.78 15.68
CA ALA A 118 -23.25 5.94 14.53
C ALA A 118 -22.05 5.92 13.59
N LEU A 119 -21.36 7.05 13.50
CA LEU A 119 -20.19 7.14 12.64
C LEU A 119 -19.08 6.24 13.20
N LYS A 120 -18.95 6.23 14.51
CA LYS A 120 -17.94 5.38 15.15
C LYS A 120 -18.21 3.93 14.80
N GLN A 121 -19.48 3.54 14.84
CA GLN A 121 -19.88 2.18 14.52
C GLN A 121 -19.53 1.83 13.08
N ALA A 122 -19.77 2.76 12.16
CA ALA A 122 -19.47 2.52 10.76
C ALA A 122 -17.95 2.38 10.56
N VAL A 123 -17.18 3.28 11.14
CA VAL A 123 -15.73 3.23 11.00
C VAL A 123 -15.14 1.96 11.59
N ALA A 124 -15.76 1.43 12.63
CA ALA A 124 -15.27 0.20 13.25
C ALA A 124 -15.41 -0.96 12.26
N VAL A 125 -16.31 -0.82 11.30
CA VAL A 125 -16.52 -1.87 10.29
C VAL A 125 -15.64 -1.66 9.05
N GLN A 126 -15.47 -0.39 8.64
CA GLN A 126 -14.62 -0.08 7.49
C GLN A 126 -14.44 1.43 7.30
N PRO A 127 -13.34 1.83 6.66
CA PRO A 127 -13.11 3.26 6.43
C PRO A 127 -14.32 3.89 5.74
N SER A 128 -14.67 5.09 6.16
CA SER A 128 -15.82 5.78 5.58
C SER A 128 -15.47 7.16 5.08
N THR A 129 -16.16 7.61 4.05
CA THR A 129 -15.90 8.92 3.49
C THR A 129 -16.77 9.96 4.20
N VAL A 130 -16.22 11.15 4.36
CA VAL A 130 -16.92 12.25 5.03
C VAL A 130 -16.51 13.56 4.37
N ALA A 131 -17.35 14.58 4.51
CA ALA A 131 -17.07 15.89 3.96
C ALA A 131 -16.82 16.82 5.14
N ILE A 132 -15.90 17.78 4.97
CA ILE A 132 -15.58 18.72 6.03
C ILE A 132 -15.39 20.10 5.44
N ASP A 133 -15.29 21.08 6.34
CA ASP A 133 -15.05 22.46 5.95
C ASP A 133 -13.55 22.64 6.13
N ALA A 134 -12.81 22.70 5.03
CA ALA A 134 -11.35 22.85 5.10
C ALA A 134 -10.88 24.25 4.73
N SER A 135 -11.78 25.23 4.75
CA SER A 135 -11.43 26.59 4.37
C SER A 135 -10.58 27.40 5.36
N SER A 136 -10.56 27.01 6.63
CA SER A 136 -9.78 27.75 7.61
C SER A 136 -8.28 27.62 7.36
N ALA A 137 -7.53 28.65 7.70
CA ALA A 137 -6.09 28.66 7.50
C ALA A 137 -5.40 27.65 8.41
N GLN A 138 -5.95 27.47 9.61
CA GLN A 138 -5.39 26.54 10.57
C GLN A 138 -5.47 25.10 10.08
N PHE A 139 -6.53 24.77 9.35
CA PHE A 139 -6.65 23.41 8.84
C PHE A 139 -5.67 23.24 7.68
N GLN A 140 -5.60 24.25 6.82
CA GLN A 140 -4.71 24.20 5.66
C GLN A 140 -3.24 24.15 6.02
N GLN A 141 -2.87 24.75 7.16
CA GLN A 141 -1.48 24.77 7.58
C GLN A 141 -1.22 23.80 8.73
N TYR A 142 -2.16 22.89 8.98
CA TYR A 142 -2.02 21.91 10.04
C TYR A 142 -0.74 21.08 9.89
N SER A 143 -0.02 20.87 10.99
CA SER A 143 1.22 20.10 10.95
C SER A 143 1.18 18.85 11.83
N SER A 144 0.73 19.00 13.06
CA SER A 144 0.68 17.85 13.97
C SER A 144 -0.19 18.10 15.19
N GLY A 145 -0.49 17.03 15.91
CA GLY A 145 -1.30 17.13 17.11
C GLY A 145 -2.77 16.88 16.83
N ILE A 146 -3.59 17.03 17.87
CA ILE A 146 -5.02 16.84 17.73
C ILE A 146 -5.65 18.18 17.35
N PHE A 147 -6.09 18.28 16.11
CA PHE A 147 -6.71 19.50 15.61
C PHE A 147 -8.06 19.69 16.31
N SER A 148 -8.31 20.91 16.79
CA SER A 148 -9.57 21.20 17.47
C SER A 148 -10.21 22.47 16.93
N GLY A 149 -9.89 22.83 15.70
CA GLY A 149 -10.46 24.02 15.11
C GLY A 149 -9.51 25.20 15.14
N PRO A 150 -9.99 26.40 14.77
CA PRO A 150 -11.37 26.65 14.34
C PRO A 150 -11.69 26.24 12.91
N CYS A 151 -12.98 26.06 12.64
CA CYS A 151 -13.46 25.71 11.31
C CYS A 151 -14.99 25.71 11.36
N GLY A 152 -15.61 26.01 10.23
CA GLY A 152 -17.06 26.04 10.18
C GLY A 152 -17.65 24.70 9.76
N THR A 153 -18.90 24.71 9.32
CA THR A 153 -19.57 23.49 8.90
C THR A 153 -20.01 23.53 7.44
N LYS A 154 -19.39 24.41 6.66
CA LYS A 154 -19.67 24.53 5.22
C LYS A 154 -18.85 23.44 4.53
N LEU A 155 -19.52 22.42 4.02
CA LEU A 155 -18.84 21.31 3.36
C LEU A 155 -18.20 21.74 2.04
N ASN A 156 -16.90 21.49 1.90
CA ASN A 156 -16.18 21.87 0.69
C ASN A 156 -14.98 20.97 0.38
N HIS A 157 -14.77 19.94 1.19
CA HIS A 157 -13.64 19.04 0.98
C HIS A 157 -13.97 17.61 1.43
N GLY A 158 -13.52 16.63 0.65
CA GLY A 158 -13.79 15.25 1.00
C GLY A 158 -12.57 14.49 1.49
N VAL A 159 -12.71 13.78 2.59
CA VAL A 159 -11.61 13.00 3.17
C VAL A 159 -12.14 11.66 3.65
N THR A 160 -11.27 10.85 4.24
CA THR A 160 -11.65 9.53 4.73
C THR A 160 -11.27 9.30 6.17
N ILE A 161 -12.19 8.73 6.95
CA ILE A 161 -11.87 8.41 8.34
C ILE A 161 -11.40 6.97 8.31
N VAL A 162 -10.15 6.74 8.69
CA VAL A 162 -9.59 5.38 8.69
C VAL A 162 -9.41 4.80 10.09
N GLY A 163 -9.89 5.52 11.11
CA GLY A 163 -9.77 5.02 12.47
C GLY A 163 -10.18 6.03 13.51
N TYR A 164 -10.00 5.67 14.79
CA TYR A 164 -10.36 6.56 15.89
C TYR A 164 -9.80 6.10 17.23
N GLN A 165 -9.78 7.03 18.17
CA GLN A 165 -9.37 6.80 19.55
C GLN A 165 -10.56 7.40 20.29
N ALA A 166 -10.54 7.41 21.62
CA ALA A 166 -11.66 7.97 22.36
C ALA A 166 -11.81 9.47 22.10
N ASN A 167 -10.68 10.15 21.92
CA ASN A 167 -10.69 11.60 21.72
C ASN A 167 -10.64 12.12 20.29
N TYR A 168 -10.34 11.28 19.32
CA TYR A 168 -10.26 11.80 17.96
C TYR A 168 -10.47 10.82 16.83
N TRP A 169 -10.67 11.37 15.63
CA TRP A 169 -10.86 10.61 14.40
C TRP A 169 -9.52 10.66 13.68
N ILE A 170 -9.12 9.57 13.04
CA ILE A 170 -7.88 9.56 12.27
C ILE A 170 -8.36 9.77 10.84
N VAL A 171 -8.00 10.91 10.25
CA VAL A 171 -8.43 11.27 8.91
C VAL A 171 -7.34 11.27 7.86
N ARG A 172 -7.62 10.61 6.75
CA ARG A 172 -6.69 10.52 5.63
C ARG A 172 -7.01 11.58 4.59
N ASN A 173 -6.07 12.49 4.33
CA ASN A 173 -6.28 13.54 3.35
C ASN A 173 -5.59 13.10 2.06
N SER A 174 -5.78 13.86 0.99
CA SER A 174 -5.17 13.54 -0.29
C SER A 174 -4.29 14.68 -0.78
N TRP A 175 -3.52 15.25 0.13
CA TRP A 175 -2.62 16.36 -0.20
C TRP A 175 -1.16 15.93 -0.06
N GLY A 176 -0.91 14.64 -0.20
CA GLY A 176 0.47 14.16 -0.10
C GLY A 176 1.01 13.98 1.30
N ARG A 177 2.23 13.43 1.35
CA ARG A 177 2.95 13.15 2.59
C ARG A 177 3.38 14.38 3.38
N TYR A 178 3.69 15.48 2.70
CA TYR A 178 4.15 16.68 3.40
C TYR A 178 3.15 17.61 4.06
N TRP A 179 1.90 17.15 4.18
CA TRP A 179 0.89 17.94 4.85
C TRP A 179 0.46 17.16 6.09
N GLY A 180 0.29 17.85 7.21
CA GLY A 180 -0.12 17.19 8.43
C GLY A 180 0.87 16.11 8.88
N GLU A 181 0.34 15.09 9.54
CA GLU A 181 1.17 13.99 10.04
C GLU A 181 1.30 12.91 8.96
N LYS A 182 2.26 13.13 8.07
CA LYS A 182 2.50 12.20 6.97
C LYS A 182 1.26 12.02 6.09
N GLY A 183 0.50 13.10 5.92
CA GLY A 183 -0.68 13.06 5.08
C GLY A 183 -1.99 12.89 5.83
N TYR A 184 -1.90 12.68 7.14
CA TYR A 184 -3.06 12.48 7.98
C TYR A 184 -3.29 13.61 8.98
N ILE A 185 -4.50 13.65 9.52
CA ILE A 185 -4.84 14.66 10.53
C ILE A 185 -5.73 14.00 11.58
N ARG A 186 -5.44 14.28 12.84
CA ARG A 186 -6.26 13.76 13.92
C ARG A 186 -7.21 14.88 14.32
N MET A 187 -8.50 14.62 14.17
CA MET A 187 -9.51 15.62 14.49
C MET A 187 -10.32 15.26 15.73
N LEU A 188 -10.41 16.20 16.65
CA LEU A 188 -11.13 16.01 17.89
C LEU A 188 -12.59 15.61 17.68
N ARG A 189 -13.07 14.69 18.52
CA ARG A 189 -14.45 14.26 18.46
C ARG A 189 -15.20 15.17 19.44
N VAL A 190 -16.03 16.05 18.90
CA VAL A 190 -16.77 17.00 19.73
C VAL A 190 -18.28 16.81 19.74
N GLY A 191 -18.77 15.79 19.05
CA GLY A 191 -20.20 15.55 19.04
C GLY A 191 -20.97 16.51 18.13
N GLY A 192 -22.29 16.46 18.19
CA GLY A 192 -23.08 17.32 17.33
C GLY A 192 -22.80 16.94 15.89
N CYS A 193 -22.64 17.93 15.01
CA CYS A 193 -22.34 17.61 13.62
C CYS A 193 -20.84 17.39 13.39
N GLY A 194 -20.08 17.37 14.47
CA GLY A 194 -18.65 17.13 14.39
C GLY A 194 -17.77 18.32 14.04
N LEU A 195 -16.49 18.21 14.40
CA LEU A 195 -15.52 19.27 14.12
C LEU A 195 -15.45 19.50 12.62
N CYS A 196 -15.56 20.77 12.22
CA CYS A 196 -15.53 21.14 10.81
C CYS A 196 -16.67 20.44 10.07
N GLY A 197 -17.68 20.01 10.81
CA GLY A 197 -18.83 19.33 10.22
C GLY A 197 -18.54 17.94 9.69
N ILE A 198 -17.54 17.27 10.26
CA ILE A 198 -17.15 15.95 9.80
C ILE A 198 -18.25 14.89 9.88
N ALA A 199 -19.22 15.07 10.77
CA ALA A 199 -20.28 14.08 10.91
C ALA A 199 -21.54 14.39 10.09
N ARG A 200 -21.47 15.43 9.26
CA ARG A 200 -22.63 15.84 8.46
C ARG A 200 -23.05 14.94 7.30
N LEU A 201 -22.08 14.35 6.61
CA LEU A 201 -22.41 13.55 5.44
C LEU A 201 -21.47 12.35 5.21
N PRO A 202 -21.61 11.30 6.02
CA PRO A 202 -20.77 10.11 5.89
C PRO A 202 -21.38 9.00 5.03
N TYR A 203 -20.54 8.30 4.29
CA TYR A 203 -20.95 7.18 3.45
C TYR A 203 -19.83 6.14 3.43
N TYR A 204 -20.19 4.91 3.09
CA TYR A 204 -19.21 3.84 2.98
C TYR A 204 -19.73 2.88 1.93
N PRO A 205 -18.82 2.24 1.19
CA PRO A 205 -19.22 1.28 0.16
C PRO A 205 -19.55 -0.08 0.76
N THR A 206 -20.34 -0.87 0.05
CA THR A 206 -20.70 -2.20 0.52
C THR A 206 -20.25 -3.24 -0.50
N LYS A 207 -19.95 -4.43 -0.02
CA LYS A 207 -19.49 -5.51 -0.88
C LYS A 207 -19.76 -6.82 -0.16
N ALA A 208 -20.61 -7.66 -0.74
CA ALA A 208 -20.96 -8.95 -0.13
C ALA A 208 -19.75 -9.87 -0.06
N LEU B 1 8.12 -15.62 20.08
CA LEU B 1 8.06 -16.22 18.72
C LEU B 1 6.65 -16.71 18.41
N PRO B 2 5.85 -15.87 17.73
CA PRO B 2 4.48 -16.21 17.36
C PRO B 2 4.40 -17.47 16.52
N GLU B 3 3.26 -18.16 16.61
CA GLU B 3 3.06 -19.39 15.83
C GLU B 3 2.71 -18.99 14.40
N GLN B 4 2.21 -17.78 14.24
CA GLN B 4 1.83 -17.27 12.92
C GLN B 4 2.08 -15.77 12.87
N ILE B 5 2.35 -15.27 11.67
CA ILE B 5 2.55 -13.84 11.48
C ILE B 5 2.44 -13.56 9.99
N ASP B 6 1.75 -12.46 9.68
CA ASP B 6 1.54 -12.05 8.30
C ASP B 6 1.69 -10.53 8.31
N TRP B 7 2.83 -10.04 7.84
CA TRP B 7 3.08 -8.61 7.84
C TRP B 7 2.11 -7.81 6.98
N ARG B 8 1.43 -8.47 6.06
CA ARG B 8 0.46 -7.79 5.22
C ARG B 8 -0.71 -7.34 6.09
N LYS B 9 -1.04 -8.15 7.10
CA LYS B 9 -2.13 -7.83 8.02
C LYS B 9 -1.76 -6.79 9.06
N LYS B 10 -0.51 -6.38 9.08
CA LYS B 10 -0.04 -5.38 10.04
C LYS B 10 0.28 -4.04 9.37
N GLY B 11 -0.06 -3.93 8.09
CA GLY B 11 0.14 -2.69 7.35
C GLY B 11 1.56 -2.34 6.97
N ALA B 12 2.44 -3.34 6.92
CA ALA B 12 3.84 -3.11 6.57
C ALA B 12 4.20 -3.48 5.14
N VAL B 13 3.23 -3.93 4.34
CA VAL B 13 3.49 -4.33 2.96
C VAL B 13 2.67 -3.56 1.93
N THR B 14 3.34 -3.05 0.90
CA THR B 14 2.65 -2.29 -0.15
C THR B 14 2.01 -3.25 -1.16
N PRO B 15 1.10 -2.75 -2.00
CA PRO B 15 0.45 -3.62 -3.00
C PRO B 15 1.50 -4.30 -3.87
N VAL B 16 1.17 -5.47 -4.37
CA VAL B 16 2.08 -6.25 -5.22
C VAL B 16 2.51 -5.45 -6.47
N LYS B 17 3.76 -5.63 -6.86
CA LYS B 17 4.31 -4.92 -8.02
C LYS B 17 4.68 -5.91 -9.12
N ASN B 18 5.05 -5.38 -10.29
CA ASN B 18 5.39 -6.22 -11.43
C ASN B 18 6.68 -5.73 -12.09
N GLN B 19 7.71 -6.57 -12.09
CA GLN B 19 9.00 -6.20 -12.67
C GLN B 19 9.00 -6.23 -14.21
N GLY B 20 7.94 -6.77 -14.80
CA GLY B 20 7.86 -6.84 -16.24
C GLY B 20 8.98 -7.65 -16.88
N SER B 21 9.33 -7.30 -18.11
CA SER B 21 10.39 -7.99 -18.85
C SER B 21 11.75 -7.39 -18.56
N CYS B 22 12.16 -7.43 -17.29
CA CYS B 22 13.43 -6.89 -16.85
C CYS B 22 13.84 -7.72 -15.64
N GLY B 23 15.05 -8.26 -15.66
CA GLY B 23 15.51 -9.09 -14.56
C GLY B 23 15.93 -8.25 -13.37
N SER B 24 14.95 -7.59 -12.76
CA SER B 24 15.21 -6.72 -11.64
C SER B 24 14.64 -7.19 -10.30
N CYS B 25 14.31 -8.47 -10.16
CA CYS B 25 13.76 -8.90 -8.88
C CYS B 25 14.70 -8.66 -7.72
N TRP B 26 15.99 -8.50 -7.99
CA TRP B 26 16.95 -8.24 -6.94
C TRP B 26 16.63 -6.88 -6.34
N ALA B 27 16.10 -5.99 -7.16
CA ALA B 27 15.73 -4.65 -6.73
C ALA B 27 14.34 -4.67 -6.09
N PHE B 28 13.40 -5.40 -6.68
CA PHE B 28 12.05 -5.45 -6.11
C PHE B 28 12.04 -6.10 -4.74
N SER B 29 12.80 -7.19 -4.59
CA SER B 29 12.88 -7.89 -3.32
C SER B 29 13.45 -7.02 -2.21
N THR B 30 14.66 -6.52 -2.43
CA THR B 30 15.31 -5.67 -1.43
C THR B 30 14.51 -4.42 -1.08
N VAL B 31 14.00 -3.73 -2.10
CA VAL B 31 13.22 -2.53 -1.85
C VAL B 31 11.98 -2.82 -1.01
N SER B 32 11.32 -3.95 -1.29
CA SER B 32 10.14 -4.32 -0.53
C SER B 32 10.47 -4.43 0.96
N THR B 33 11.64 -4.99 1.29
CA THR B 33 12.00 -5.12 2.71
C THR B 33 12.31 -3.75 3.32
N VAL B 34 12.78 -2.82 2.49
CA VAL B 34 13.09 -1.48 2.99
C VAL B 34 11.78 -0.74 3.30
N GLU B 35 10.79 -0.90 2.43
CA GLU B 35 9.49 -0.27 2.64
C GLU B 35 8.91 -0.78 3.97
N SER B 36 9.01 -2.09 4.18
CA SER B 36 8.48 -2.72 5.39
C SER B 36 9.18 -2.31 6.67
N ILE B 37 10.51 -2.34 6.69
CA ILE B 37 11.22 -1.97 7.91
C ILE B 37 10.96 -0.50 8.23
N ASN B 38 10.80 0.32 7.20
CA ASN B 38 10.52 1.73 7.43
C ASN B 38 9.15 1.90 8.11
N GLN B 39 8.16 1.12 7.66
CA GLN B 39 6.83 1.22 8.24
C GLN B 39 6.84 0.69 9.68
N ILE B 40 7.56 -0.40 9.92
CA ILE B 40 7.65 -0.99 11.25
C ILE B 40 8.28 -0.01 12.24
N ARG B 41 9.31 0.70 11.79
CA ARG B 41 10.01 1.66 12.64
C ARG B 41 9.35 3.04 12.77
N THR B 42 8.75 3.52 11.68
CA THR B 42 8.15 4.85 11.70
C THR B 42 6.62 4.91 11.64
N GLY B 43 5.99 3.80 11.25
CA GLY B 43 4.54 3.80 11.15
C GLY B 43 4.03 4.31 9.81
N ASN B 44 4.95 4.73 8.95
CA ASN B 44 4.57 5.25 7.63
C ASN B 44 4.84 4.25 6.51
N LEU B 45 3.83 3.98 5.70
CA LEU B 45 3.96 3.05 4.57
C LEU B 45 4.16 3.86 3.29
N ILE B 46 5.33 3.68 2.66
CA ILE B 46 5.70 4.40 1.45
C ILE B 46 6.21 3.46 0.37
N SER B 47 5.73 3.61 -0.86
CA SER B 47 6.20 2.77 -1.96
C SER B 47 7.48 3.41 -2.49
N LEU B 48 8.57 2.64 -2.49
CA LEU B 48 9.86 3.15 -2.91
C LEU B 48 10.29 2.75 -4.32
N SER B 49 11.33 3.42 -4.83
CA SER B 49 11.80 3.22 -6.20
C SER B 49 12.75 2.08 -6.53
N GLU B 50 12.26 1.11 -7.30
CA GLU B 50 13.11 0.02 -7.75
C GLU B 50 13.98 0.55 -8.90
N GLN B 51 13.42 1.49 -9.67
CA GLN B 51 14.14 2.05 -10.81
C GLN B 51 15.41 2.76 -10.42
N GLU B 52 15.42 3.38 -9.25
CA GLU B 52 16.62 4.07 -8.79
C GLU B 52 17.78 3.09 -8.66
N LEU B 53 17.50 1.89 -8.15
CA LEU B 53 18.57 0.90 -8.00
C LEU B 53 18.99 0.40 -9.37
N VAL B 54 18.01 0.12 -10.21
CA VAL B 54 18.29 -0.37 -11.55
C VAL B 54 19.21 0.59 -12.32
N ASP B 55 18.96 1.89 -12.20
CA ASP B 55 19.79 2.88 -12.90
C ASP B 55 21.08 3.25 -12.20
N CYS B 56 21.03 3.38 -10.87
CA CYS B 56 22.17 3.82 -10.09
C CYS B 56 23.05 2.81 -9.35
N ASP B 57 22.49 1.64 -9.06
CA ASP B 57 23.25 0.61 -8.34
C ASP B 57 24.22 -0.05 -9.32
N LYS B 58 25.29 0.67 -9.65
CA LYS B 58 26.30 0.21 -10.61
C LYS B 58 26.99 -1.11 -10.32
N LYS B 59 27.09 -1.51 -9.06
CA LYS B 59 27.72 -2.77 -8.74
C LYS B 59 26.87 -3.92 -9.25
N ASN B 60 25.56 -3.66 -9.41
CA ASN B 60 24.68 -4.69 -9.93
C ASN B 60 24.50 -4.46 -11.43
N HIS B 61 23.73 -5.31 -12.10
CA HIS B 61 23.59 -5.19 -13.55
C HIS B 61 22.22 -4.89 -14.15
N GLY B 62 21.58 -3.83 -13.68
CA GLY B 62 20.28 -3.45 -14.20
C GLY B 62 19.31 -4.60 -14.43
N CYS B 63 18.82 -4.73 -15.66
CA CYS B 63 17.87 -5.78 -16.00
C CYS B 63 18.53 -7.15 -16.26
N LEU B 64 19.84 -7.23 -16.08
CA LEU B 64 20.55 -8.49 -16.30
C LEU B 64 20.80 -9.26 -15.01
N GLY B 65 20.39 -8.69 -13.88
CA GLY B 65 20.59 -9.37 -12.61
C GLY B 65 21.36 -8.56 -11.58
N GLY B 66 21.40 -9.07 -10.36
CA GLY B 66 22.11 -8.39 -9.29
C GLY B 66 22.08 -9.18 -7.99
N ALA B 67 22.81 -8.70 -6.99
CA ALA B 67 22.87 -9.39 -5.70
C ALA B 67 22.28 -8.52 -4.58
N PHE B 68 21.67 -9.19 -3.60
CA PHE B 68 21.05 -8.51 -2.47
C PHE B 68 22.00 -7.57 -1.73
N VAL B 69 23.16 -8.09 -1.35
CA VAL B 69 24.13 -7.31 -0.59
C VAL B 69 24.51 -5.98 -1.23
N PHE B 70 24.73 -5.98 -2.55
CA PHE B 70 25.11 -4.74 -3.24
C PHE B 70 23.95 -3.76 -3.32
N ALA B 71 22.73 -4.28 -3.32
CA ALA B 71 21.54 -3.43 -3.37
C ALA B 71 21.39 -2.69 -2.04
N TYR B 72 21.51 -3.44 -0.94
CA TYR B 72 21.40 -2.84 0.38
C TYR B 72 22.55 -1.84 0.60
N GLN B 73 23.75 -2.23 0.21
CA GLN B 73 24.91 -1.37 0.41
C GLN B 73 24.75 -0.05 -0.35
N TYR B 74 24.19 -0.11 -1.55
CA TYR B 74 23.97 1.09 -2.33
C TYR B 74 23.04 2.06 -1.60
N ILE B 75 21.94 1.54 -1.06
CA ILE B 75 20.99 2.39 -0.36
C ILE B 75 21.64 3.05 0.85
N ILE B 76 22.50 2.29 1.54
CA ILE B 76 23.22 2.81 2.69
C ILE B 76 24.25 3.86 2.27
N ASN B 77 25.07 3.51 1.29
CA ASN B 77 26.10 4.44 0.80
C ASN B 77 25.51 5.73 0.27
N ASN B 78 24.41 5.61 -0.47
CA ASN B 78 23.75 6.76 -1.07
C ASN B 78 23.04 7.66 -0.05
N GLY B 79 22.82 7.13 1.15
CA GLY B 79 22.15 7.91 2.17
C GLY B 79 20.64 7.89 2.06
N GLY B 80 20.10 6.97 1.26
CA GLY B 80 18.66 6.91 1.12
C GLY B 80 18.15 6.52 -0.24
N ILE B 81 16.84 6.34 -0.33
CA ILE B 81 16.17 5.94 -1.57
C ILE B 81 14.94 6.83 -1.76
N ASP B 82 14.58 7.07 -3.02
CA ASP B 82 13.43 7.92 -3.36
C ASP B 82 12.15 7.08 -3.47
N THR B 83 11.02 7.76 -3.68
CA THR B 83 9.73 7.09 -3.80
C THR B 83 9.42 6.62 -5.22
N GLN B 84 8.49 5.69 -5.31
CA GLN B 84 8.05 5.13 -6.58
C GLN B 84 7.47 6.26 -7.45
N ALA B 85 6.74 7.16 -6.83
CA ALA B 85 6.12 8.29 -7.53
C ALA B 85 7.13 9.25 -8.13
N ASN B 86 8.21 9.52 -7.38
CA ASN B 86 9.25 10.44 -7.84
C ASN B 86 10.20 9.85 -8.87
N TYR B 87 10.43 8.55 -8.79
CA TYR B 87 11.34 7.88 -9.70
C TYR B 87 10.65 6.59 -10.14
N PRO B 88 9.69 6.71 -11.08
CA PRO B 88 8.87 5.65 -11.68
C PRO B 88 9.63 4.51 -12.33
N TYR B 89 9.03 3.32 -12.31
CA TYR B 89 9.63 2.12 -12.89
C TYR B 89 9.35 2.06 -14.39
N LYS B 90 10.40 1.83 -15.18
CA LYS B 90 10.27 1.78 -16.64
C LYS B 90 10.62 0.41 -17.23
N ALA B 91 11.07 -0.52 -16.39
CA ALA B 91 11.42 -1.86 -16.84
C ALA B 91 12.58 -1.88 -17.85
N VAL B 92 13.38 -0.81 -17.83
CA VAL B 92 14.53 -0.69 -18.72
C VAL B 92 15.54 0.16 -17.97
N GLN B 93 16.82 -0.14 -18.10
CA GLN B 93 17.83 0.65 -17.43
C GLN B 93 18.08 1.94 -18.20
N GLY B 94 18.16 3.04 -17.47
CA GLY B 94 18.41 4.33 -18.09
C GLY B 94 19.43 5.10 -17.28
N PRO B 95 19.71 6.36 -17.64
CA PRO B 95 20.68 7.16 -16.90
C PRO B 95 20.26 7.36 -15.46
N CYS B 96 21.22 7.26 -14.54
CA CYS B 96 20.93 7.45 -13.13
C CYS B 96 20.57 8.91 -12.88
N GLN B 97 19.34 9.16 -12.43
CA GLN B 97 18.87 10.51 -12.15
C GLN B 97 19.16 10.92 -10.72
N ALA B 98 19.13 12.22 -10.47
CA ALA B 98 19.35 12.73 -9.12
C ALA B 98 18.07 12.33 -8.39
N ALA B 99 18.20 11.81 -7.18
CA ALA B 99 17.02 11.38 -6.44
C ALA B 99 16.97 11.92 -5.02
N SER B 100 15.75 12.05 -4.51
CA SER B 100 15.53 12.55 -3.16
C SER B 100 15.76 11.40 -2.19
N LYS B 101 16.33 11.68 -1.03
CA LYS B 101 16.57 10.65 -0.02
C LYS B 101 15.43 10.65 0.98
N VAL B 102 14.35 9.96 0.62
CA VAL B 102 13.15 9.90 1.45
C VAL B 102 13.24 8.89 2.60
N VAL B 103 13.67 7.67 2.29
CA VAL B 103 13.78 6.62 3.30
C VAL B 103 15.22 6.13 3.39
N SER B 104 15.68 5.89 4.61
CA SER B 104 17.04 5.40 4.79
C SER B 104 17.08 4.23 5.76
N ILE B 105 18.12 3.40 5.61
CA ILE B 105 18.32 2.25 6.49
C ILE B 105 19.73 2.41 7.04
N ASP B 106 20.07 1.64 8.06
CA ASP B 106 21.39 1.76 8.68
C ASP B 106 22.33 0.61 8.39
N GLY B 107 21.79 -0.53 7.99
CA GLY B 107 22.63 -1.67 7.69
C GLY B 107 21.80 -2.84 7.22
N TYR B 108 22.38 -4.03 7.23
CA TYR B 108 21.66 -5.23 6.85
C TYR B 108 22.36 -6.41 7.50
N ASN B 109 21.62 -7.50 7.69
CA ASN B 109 22.16 -8.70 8.32
C ASN B 109 21.78 -9.95 7.56
N GLY B 110 22.66 -10.94 7.61
CA GLY B 110 22.39 -12.19 6.95
C GLY B 110 21.86 -13.15 8.00
N VAL B 111 21.05 -14.11 7.58
CA VAL B 111 20.49 -15.10 8.47
C VAL B 111 21.29 -16.37 8.25
N PRO B 112 21.54 -17.16 9.31
CA PRO B 112 22.30 -18.40 9.15
C PRO B 112 21.70 -19.23 8.00
N PHE B 113 22.55 -19.79 7.17
CA PHE B 113 22.09 -20.58 6.02
C PHE B 113 21.48 -21.93 6.35
N CYS B 114 20.45 -22.29 5.58
CA CYS B 114 19.76 -23.55 5.72
C CYS B 114 19.37 -23.85 7.16
N ASN B 115 18.71 -22.88 7.77
CA ASN B 115 18.26 -22.99 9.16
C ASN B 115 16.90 -22.29 9.21
N GLU B 116 15.85 -23.01 8.88
CA GLU B 116 14.52 -22.40 8.86
C GLU B 116 14.03 -21.92 10.22
N UNK B 117 14.63 -22.44 11.29
CA UNK B 117 14.26 -21.99 12.64
C UNK B 117 14.78 -20.57 12.84
N ALA B 118 15.99 -20.31 12.33
CA ALA B 118 16.58 -18.99 12.44
C ALA B 118 15.86 -18.03 11.48
N LEU B 119 15.45 -18.57 10.34
CA LEU B 119 14.75 -17.77 9.34
C LEU B 119 13.38 -17.35 9.90
N LYS B 120 12.74 -18.26 10.63
CA LYS B 120 11.44 -17.96 11.23
C LYS B 120 11.61 -16.80 12.22
N GLN B 121 12.69 -16.85 13.00
CA GLN B 121 12.98 -15.82 14.00
C GLN B 121 13.16 -14.45 13.33
N ALA B 122 13.83 -14.42 12.18
CA ALA B 122 14.04 -13.17 11.47
C ALA B 122 12.71 -12.63 10.93
N VAL B 123 11.94 -13.50 10.28
CA VAL B 123 10.66 -13.11 9.71
C VAL B 123 9.69 -12.59 10.77
N ALA B 124 9.82 -13.10 12.00
CA ALA B 124 8.94 -12.67 13.08
C ALA B 124 9.23 -11.21 13.42
N VAL B 125 10.43 -10.75 13.07
CA VAL B 125 10.82 -9.37 13.34
C VAL B 125 10.55 -8.44 12.16
N GLN B 126 10.75 -8.94 10.94
CA GLN B 126 10.50 -8.13 9.74
C GLN B 126 10.66 -8.95 8.47
N PRO B 127 9.96 -8.56 7.39
CA PRO B 127 10.07 -9.28 6.12
C PRO B 127 11.53 -9.40 5.72
N SER B 128 11.92 -10.56 5.19
CA SER B 128 13.30 -10.80 4.80
C SER B 128 13.40 -11.25 3.35
N THR B 129 14.52 -10.93 2.71
CA THR B 129 14.72 -11.32 1.33
C THR B 129 15.37 -12.69 1.28
N VAL B 130 15.04 -13.46 0.25
CA VAL B 130 15.58 -14.81 0.06
C VAL B 130 15.68 -15.07 -1.44
N ALA B 131 16.56 -16.00 -1.80
CA ALA B 131 16.71 -16.39 -3.19
C ALA B 131 16.20 -17.82 -3.30
N ILE B 132 15.58 -18.15 -4.43
CA ILE B 132 15.06 -19.49 -4.65
C ILE B 132 15.35 -19.94 -6.07
N ASP B 133 15.07 -21.21 -6.33
CA ASP B 133 15.23 -21.78 -7.66
C ASP B 133 13.80 -21.74 -8.23
N ALA B 134 13.56 -20.82 -9.16
CA ALA B 134 12.24 -20.69 -9.76
C ALA B 134 12.21 -21.18 -11.21
N SER B 135 13.16 -22.06 -11.54
CA SER B 135 13.27 -22.58 -12.90
C SER B 135 12.26 -23.66 -13.30
N SER B 136 11.63 -24.29 -12.31
CA SER B 136 10.67 -25.36 -12.61
C SER B 136 9.39 -24.82 -13.21
N ALA B 137 8.83 -25.58 -14.16
CA ALA B 137 7.60 -25.17 -14.82
C ALA B 137 6.46 -25.16 -13.80
N GLN B 138 6.57 -26.02 -12.80
CA GLN B 138 5.55 -26.11 -11.76
C GLN B 138 5.48 -24.84 -10.92
N PHE B 139 6.64 -24.24 -10.64
CA PHE B 139 6.69 -23.01 -9.87
C PHE B 139 6.16 -21.86 -10.74
N GLN B 140 6.67 -21.79 -11.96
CA GLN B 140 6.28 -20.74 -12.89
C GLN B 140 4.78 -20.72 -13.20
N GLN B 141 4.14 -21.88 -13.17
CA GLN B 141 2.72 -21.97 -13.48
C GLN B 141 1.86 -22.11 -12.22
N TYR B 142 2.44 -21.84 -11.05
CA TYR B 142 1.72 -21.93 -9.79
C TYR B 142 0.50 -21.00 -9.77
N SER B 143 -0.62 -21.50 -9.25
CA SER B 143 -1.86 -20.71 -9.17
C SER B 143 -2.41 -20.61 -7.76
N SER B 144 -2.41 -21.72 -7.02
CA SER B 144 -2.92 -21.67 -5.65
C SER B 144 -2.56 -22.90 -4.83
N GLY B 145 -2.76 -22.81 -3.53
CA GLY B 145 -2.46 -23.91 -2.64
C GLY B 145 -1.08 -23.80 -2.04
N ILE B 146 -0.69 -24.82 -1.27
CA ILE B 146 0.60 -24.85 -0.62
C ILE B 146 1.59 -25.58 -1.52
N PHE B 147 2.44 -24.82 -2.20
CA PHE B 147 3.45 -25.38 -3.10
C PHE B 147 4.41 -26.27 -2.33
N SER B 148 4.64 -27.48 -2.83
CA SER B 148 5.53 -28.43 -2.16
C SER B 148 6.56 -28.99 -3.13
N GLY B 149 6.76 -28.31 -4.25
CA GLY B 149 7.72 -28.78 -5.24
C GLY B 149 7.05 -29.24 -6.51
N PRO B 150 7.82 -29.75 -7.48
CA PRO B 150 9.27 -29.92 -7.40
C PRO B 150 10.05 -28.67 -7.80
N CYS B 151 11.31 -28.62 -7.37
CA CYS B 151 12.21 -27.52 -7.69
C CYS B 151 13.58 -27.84 -7.10
N GLY B 152 14.63 -27.34 -7.75
CA GLY B 152 15.97 -27.60 -7.27
C GLY B 152 16.44 -26.56 -6.27
N THR B 153 17.75 -26.52 -6.03
CA THR B 153 18.29 -25.55 -5.09
C THR B 153 19.28 -24.59 -5.78
N LYS B 154 19.12 -24.43 -7.08
CA LYS B 154 19.97 -23.51 -7.84
C LYS B 154 19.33 -22.12 -7.71
N LEU B 155 20.00 -21.21 -7.02
CA LEU B 155 19.44 -19.88 -6.82
C LEU B 155 19.46 -19.02 -8.08
N ASN B 156 18.28 -18.56 -8.50
CA ASN B 156 18.19 -17.74 -9.69
C ASN B 156 17.08 -16.68 -9.65
N HIS B 157 16.38 -16.60 -8.52
CA HIS B 157 15.28 -15.62 -8.41
C HIS B 157 15.19 -15.09 -6.99
N GLY B 158 14.92 -13.79 -6.85
CA GLY B 158 14.82 -13.20 -5.53
C GLY B 158 13.39 -12.85 -5.18
N VAL B 159 12.98 -13.16 -3.95
CA VAL B 159 11.62 -12.88 -3.48
C VAL B 159 11.68 -12.45 -2.01
N THR B 160 10.52 -12.21 -1.41
CA THR B 160 10.45 -11.78 -0.02
C THR B 160 9.50 -12.63 0.81
N ILE B 161 9.94 -13.02 2.01
CA ILE B 161 9.05 -13.78 2.89
C ILE B 161 8.40 -12.73 3.78
N VAL B 162 7.09 -12.59 3.67
CA VAL B 162 6.35 -11.61 4.46
C VAL B 162 5.61 -12.24 5.64
N GLY B 163 5.81 -13.53 5.84
CA GLY B 163 5.14 -14.18 6.96
C GLY B 163 5.19 -15.68 6.90
N TYR B 164 4.59 -16.30 7.92
CA TYR B 164 4.52 -17.75 8.01
C TYR B 164 3.29 -18.11 8.84
N GLN B 165 2.62 -19.18 8.45
CA GLN B 165 1.43 -19.61 9.16
C GLN B 165 1.25 -21.07 8.87
N ALA B 166 0.71 -21.80 9.85
CA ALA B 166 0.53 -23.22 9.67
C ALA B 166 1.89 -23.84 9.35
N ASN B 167 1.97 -24.53 8.22
CA ASN B 167 3.19 -25.20 7.80
C ASN B 167 3.85 -24.60 6.56
N TYR B 168 3.70 -23.30 6.34
CA TYR B 168 4.30 -22.71 5.15
C TYR B 168 4.82 -21.30 5.34
N TRP B 169 5.51 -20.81 4.32
CA TRP B 169 6.06 -19.45 4.29
C TRP B 169 5.14 -18.69 3.34
N ILE B 170 4.88 -17.42 3.62
CA ILE B 170 4.06 -16.62 2.72
C ILE B 170 5.11 -15.82 1.96
N VAL B 171 5.19 -16.05 0.65
CA VAL B 171 6.20 -15.43 -0.18
C VAL B 171 5.66 -14.44 -1.22
N ARG B 172 6.23 -13.23 -1.21
CA ARG B 172 5.84 -12.17 -2.12
C ARG B 172 6.72 -12.17 -3.38
N ASN B 173 6.11 -12.33 -4.54
CA ASN B 173 6.86 -12.33 -5.79
C ASN B 173 6.65 -10.97 -6.45
N SER B 174 7.38 -10.71 -7.52
CA SER B 174 7.26 -9.44 -8.22
C SER B 174 6.86 -9.64 -9.68
N TRP B 175 5.91 -10.54 -9.91
CA TRP B 175 5.43 -10.84 -11.25
C TRP B 175 3.98 -10.39 -11.45
N GLY B 176 3.53 -9.42 -10.66
CA GLY B 176 2.15 -8.96 -10.80
C GLY B 176 1.13 -9.77 -10.03
N ARG B 177 -0.12 -9.31 -10.05
CA ARG B 177 -1.21 -9.97 -9.34
C ARG B 177 -1.75 -11.22 -10.03
N TYR B 178 -1.47 -11.36 -11.33
CA TYR B 178 -1.99 -12.52 -12.05
C TYR B 178 -1.21 -13.80 -11.98
N TRP B 179 -0.20 -13.81 -11.11
CA TRP B 179 0.61 -15.00 -10.91
C TRP B 179 0.32 -15.46 -9.49
N GLY B 180 0.17 -16.76 -9.29
CA GLY B 180 -0.10 -17.28 -7.96
C GLY B 180 -1.34 -16.73 -7.28
N GLU B 181 -1.29 -16.64 -5.95
CA GLU B 181 -2.42 -16.14 -5.20
C GLU B 181 -2.32 -14.62 -5.08
N LYS B 182 -2.73 -13.95 -6.15
CA LYS B 182 -2.68 -12.50 -6.25
C LYS B 182 -1.27 -11.96 -6.05
N GLY B 183 -0.29 -12.67 -6.59
CA GLY B 183 1.09 -12.24 -6.49
C GLY B 183 1.93 -12.95 -5.46
N TYR B 184 1.28 -13.74 -4.60
CA TYR B 184 1.98 -14.46 -3.55
C TYR B 184 1.98 -15.97 -3.76
N ILE B 185 2.84 -16.65 -3.04
CA ILE B 185 2.89 -18.11 -3.10
C ILE B 185 3.15 -18.64 -1.70
N ARG B 186 2.42 -19.68 -1.32
CA ARG B 186 2.62 -20.30 -0.02
C ARG B 186 3.53 -21.49 -0.27
N MET B 187 4.70 -21.48 0.34
CA MET B 187 5.69 -22.53 0.18
C MET B 187 5.89 -23.32 1.47
N LEU B 188 5.73 -24.64 1.36
CA LEU B 188 5.88 -25.54 2.50
C LEU B 188 7.24 -25.41 3.18
N ARG B 189 7.23 -25.49 4.51
CA ARG B 189 8.46 -25.43 5.30
C ARG B 189 8.93 -26.88 5.44
N VAL B 190 9.99 -27.26 4.72
CA VAL B 190 10.49 -28.63 4.75
C VAL B 190 11.84 -28.85 5.42
N GLY B 191 12.41 -27.82 6.02
CA GLY B 191 13.68 -27.97 6.70
C GLY B 191 14.89 -28.04 5.76
N GLY B 192 16.06 -28.33 6.33
CA GLY B 192 17.26 -28.38 5.51
C GLY B 192 17.48 -27.02 4.88
N CYS B 193 17.83 -26.99 3.60
CA CYS B 193 18.05 -25.71 2.94
C CYS B 193 16.76 -25.11 2.40
N GLY B 194 15.64 -25.72 2.76
CA GLY B 194 14.34 -25.21 2.35
C GLY B 194 13.86 -25.57 0.95
N LEU B 195 12.55 -25.47 0.75
CA LEU B 195 11.94 -25.78 -0.53
C LEU B 195 12.48 -24.82 -1.58
N CYS B 196 12.96 -25.36 -2.71
CA CYS B 196 13.53 -24.57 -3.78
C CYS B 196 14.73 -23.75 -3.29
N GLY B 197 15.33 -24.20 -2.19
CA GLY B 197 16.49 -23.54 -1.61
C GLY B 197 16.19 -22.23 -0.93
N ILE B 198 14.95 -22.04 -0.52
CA ILE B 198 14.53 -20.79 0.11
C ILE B 198 15.30 -20.38 1.37
N ALA B 199 15.88 -21.35 2.07
CA ALA B 199 16.62 -21.02 3.29
C ALA B 199 18.12 -20.84 3.07
N ARG B 200 18.57 -20.97 1.83
CA ARG B 200 19.99 -20.85 1.51
C ARG B 200 20.64 -19.47 1.70
N LEU B 201 19.95 -18.40 1.34
CA LEU B 201 20.58 -17.08 1.44
C LEU B 201 19.65 -15.94 1.85
N PRO B 202 19.27 -15.87 3.13
CA PRO B 202 18.37 -14.82 3.62
C PRO B 202 19.08 -13.59 4.19
N TYR B 203 18.47 -12.44 3.99
CA TYR B 203 19.00 -11.17 4.50
C TYR B 203 17.85 -10.25 4.89
N TYR B 204 18.14 -9.29 5.76
CA TYR B 204 17.12 -8.31 6.14
C TYR B 204 17.80 -7.00 6.46
N PRO B 205 17.12 -5.89 6.22
CA PRO B 205 17.69 -4.57 6.50
C PRO B 205 17.51 -4.22 7.97
N THR B 206 18.36 -3.33 8.48
CA THR B 206 18.24 -2.88 9.86
C THR B 206 18.07 -1.35 9.83
N LYS B 207 17.41 -0.81 10.84
CA LYS B 207 17.16 0.62 10.92
C LYS B 207 17.02 0.97 12.40
N ALA B 208 17.75 1.99 12.84
CA ALA B 208 17.71 2.41 14.24
C ALA B 208 16.33 2.96 14.62
#